data_5GSZ
#
_entry.id   5GSZ
#
_cell.length_a   122.604
_cell.length_b   122.604
_cell.length_c   56.198
_cell.angle_alpha   90.000
_cell.angle_beta   90.000
_cell.angle_gamma   90.000
#
_symmetry.space_group_name_H-M   'P 42 21 2'
#
loop_
_entity.id
_entity.type
_entity.pdbx_description
1 polymer 'Kinesin-like protein KIF19'
2 non-polymer "ADENOSINE-5'-DIPHOSPHATE"
3 non-polymer 'MAGNESIUM ION'
4 water water
#
_entity_poly.entity_id   1
_entity_poly.type   'polypeptide(L)'
_entity_poly.pdbx_seq_one_letter_code
;MKDSGDSKDQQLMVALRVRPISVAELEEGATLIAHKMDEQMVVLMDPMEDPDDILRAHRSREKSYLFDVAFDFTATQEMV
YQATTKSLIEGVISGYNATVFAYGPTGCGKTYTMLGTDHEPGIYVRTLNDLFRAIEETSNDMEYEVSMSYLEIYNEMIRD
LLNPALGYLELREDSKGVIQVAGITEVSTINAKEIMQLLMKGNRQRTQEPTAANQTSSRSHAVLQVAVRQRSRVKNILQE
VRQGRLFMIDLAGSERASQTQNRGQRMKEGAHINRSLLALGNCINALSDKGSNKYINYRDSKLTRLLKDSLGGNSRTVMI
AHISPASTAFEESRNTLTYAGRAKNIRTRVKQN
;
_entity_poly.pdbx_strand_id   A
#
loop_
_chem_comp.id
_chem_comp.type
_chem_comp.name
_chem_comp.formula
ADP non-polymer ADENOSINE-5'-DIPHOSPHATE 'C10 H15 N5 O10 P2'
MG non-polymer 'MAGNESIUM ION' 'Mg 2'
#
# COMPACT_ATOMS: atom_id res chain seq x y z
N GLN A 11 13.25 8.23 4.58
CA GLN A 11 13.11 7.13 5.53
C GLN A 11 12.08 6.08 5.09
N LEU A 12 12.54 4.85 4.91
CA LEU A 12 11.70 3.78 4.39
C LEU A 12 11.67 2.60 5.34
N MET A 13 10.48 2.02 5.52
CA MET A 13 10.31 0.76 6.23
C MET A 13 9.66 -0.27 5.33
N VAL A 14 10.18 -1.49 5.35
CA VAL A 14 9.60 -2.62 4.65
C VAL A 14 9.16 -3.67 5.67
N ALA A 15 7.94 -4.16 5.53
CA ALA A 15 7.40 -5.19 6.40
C ALA A 15 6.98 -6.37 5.54
N LEU A 16 7.01 -7.58 6.11
CA LEU A 16 6.49 -8.74 5.38
C LEU A 16 5.45 -9.44 6.22
N ARG A 17 4.27 -9.69 5.63
CA ARG A 17 3.17 -10.39 6.28
C ARG A 17 2.91 -11.71 5.57
N VAL A 18 2.94 -12.80 6.34
CA VAL A 18 2.53 -14.12 5.86
C VAL A 18 1.09 -14.36 6.31
N ARG A 19 0.21 -14.56 5.36
CA ARG A 19 -1.15 -14.90 5.77
C ARG A 19 -1.20 -16.38 6.12
N PRO A 20 -2.16 -16.80 6.92
CA PRO A 20 -2.34 -18.25 7.13
C PRO A 20 -2.58 -18.97 5.81
N ILE A 21 -2.21 -20.24 5.79
CA ILE A 21 -2.50 -21.09 4.62
C ILE A 21 -4.01 -21.28 4.46
N SER A 22 -4.45 -21.43 3.22
CA SER A 22 -5.88 -21.49 2.92
C SER A 22 -6.29 -22.93 2.62
N VAL A 23 -7.56 -23.22 2.88
CA VAL A 23 -8.12 -24.53 2.56
C VAL A 23 -7.86 -24.87 1.09
N ALA A 24 -8.17 -23.94 0.19
CA ALA A 24 -7.97 -24.19 -1.24
C ALA A 24 -6.53 -24.58 -1.55
N GLU A 25 -5.56 -24.07 -0.79
CA GLU A 25 -4.18 -24.48 -0.96
C GLU A 25 -3.95 -25.89 -0.43
N LEU A 26 -4.64 -26.27 0.63
CA LEU A 26 -4.48 -27.62 1.17
C LEU A 26 -5.12 -28.65 0.24
N GLU A 27 -6.25 -28.32 -0.36
CA GLU A 27 -6.88 -29.24 -1.28
C GLU A 27 -6.00 -29.47 -2.50
N GLU A 28 -5.31 -28.42 -2.97
CA GLU A 28 -4.38 -28.58 -4.07
C GLU A 28 -3.16 -29.40 -3.66
N GLY A 29 -2.97 -29.64 -2.36
CA GLY A 29 -1.88 -30.44 -1.85
C GLY A 29 -0.68 -29.68 -1.35
N ALA A 30 -0.84 -28.43 -0.91
CA ALA A 30 0.33 -27.62 -0.59
C ALA A 30 0.83 -27.91 0.82
N THR A 31 2.13 -27.67 1.02
CA THR A 31 2.69 -27.71 2.35
C THR A 31 3.16 -26.32 2.76
N LEU A 32 3.67 -26.21 3.99
CA LEU A 32 4.19 -24.96 4.51
C LEU A 32 5.67 -24.84 4.18
N ILE A 33 6.05 -23.73 3.57
CA ILE A 33 7.43 -23.50 3.18
C ILE A 33 7.88 -22.10 3.58
N ALA A 34 6.95 -21.28 4.05
CA ALA A 34 7.28 -19.96 4.56
C ALA A 34 7.17 -19.99 6.08
N HIS A 35 8.18 -19.47 6.75
CA HIS A 35 8.25 -19.54 8.21
C HIS A 35 8.85 -18.26 8.77
N LYS A 36 8.07 -17.56 9.57
CA LYS A 36 8.60 -16.50 10.42
C LYS A 36 9.50 -17.15 11.45
N MET A 37 10.80 -16.88 11.35
CA MET A 37 11.80 -17.51 12.20
C MET A 37 12.14 -16.65 13.41
N ASP A 38 11.54 -15.47 13.50
CA ASP A 38 12.21 -14.34 14.09
C ASP A 38 11.29 -13.15 13.86
N GLU A 39 11.45 -12.07 14.63
CA GLU A 39 10.55 -10.96 14.48
C GLU A 39 10.86 -10.10 13.27
N GLN A 40 12.01 -10.31 12.63
CA GLN A 40 12.29 -9.57 11.41
C GLN A 40 12.93 -10.46 10.34
N MET A 41 12.80 -11.78 10.47
CA MET A 41 13.35 -12.68 9.47
C MET A 41 12.36 -13.80 9.16
N VAL A 42 12.22 -14.09 7.87
CA VAL A 42 11.41 -15.18 7.36
C VAL A 42 12.30 -16.01 6.45
N VAL A 43 12.02 -17.32 6.39
CA VAL A 43 12.77 -18.20 5.49
C VAL A 43 11.81 -18.87 4.55
N LEU A 44 12.29 -19.15 3.34
CA LEU A 44 11.48 -19.73 2.27
C LEU A 44 12.10 -21.06 1.86
N MET A 45 11.50 -22.15 2.34
CA MET A 45 11.94 -23.49 1.95
C MET A 45 11.58 -23.76 0.49
N ASP A 46 12.49 -24.44 -0.18
CA ASP A 46 12.25 -24.87 -1.55
C ASP A 46 11.55 -26.22 -1.50
N PRO A 47 10.33 -26.35 -2.04
CA PRO A 47 9.78 -27.70 -2.27
C PRO A 47 10.53 -28.37 -3.41
N MET A 48 10.15 -29.56 -3.81
CA MET A 48 10.84 -30.18 -4.93
C MET A 48 9.82 -30.73 -5.93
N GLU A 49 10.32 -31.12 -7.10
CA GLU A 49 9.51 -31.67 -8.18
C GLU A 49 10.34 -32.14 -9.37
N ASP A 50 9.68 -32.44 -10.48
CA ASP A 50 10.24 -32.65 -11.80
C ASP A 50 11.09 -33.91 -11.91
N PRO A 51 11.17 -34.54 -13.09
CA PRO A 51 12.24 -35.52 -13.33
C PRO A 51 13.56 -34.82 -13.41
N ASP A 52 13.55 -33.54 -13.78
CA ASP A 52 14.73 -32.72 -13.79
C ASP A 52 15.19 -32.48 -12.37
N ASP A 53 15.78 -31.32 -12.15
CA ASP A 53 16.38 -30.98 -10.87
C ASP A 53 17.56 -31.91 -10.61
N ILE A 54 18.77 -31.35 -10.69
CA ILE A 54 19.91 -31.83 -9.92
C ILE A 54 19.70 -31.32 -8.49
N LEU A 55 18.89 -32.08 -7.74
CA LEU A 55 18.37 -31.62 -6.46
C LEU A 55 19.47 -31.46 -5.41
N ARG A 56 20.66 -32.01 -5.65
CA ARG A 56 21.77 -31.81 -4.71
C ARG A 56 22.03 -30.32 -4.50
N ALA A 57 22.31 -29.60 -5.57
CA ALA A 57 22.55 -28.15 -5.53
C ALA A 57 23.62 -27.80 -4.51
N HIS A 58 23.68 -26.53 -4.12
CA HIS A 58 24.52 -26.10 -3.01
C HIS A 58 23.92 -24.94 -2.22
N ARG A 59 22.84 -24.32 -2.69
CA ARG A 59 22.17 -23.22 -2.00
C ARG A 59 21.36 -23.61 -0.73
N SER A 60 20.59 -24.71 -0.71
CA SER A 60 20.24 -25.54 -1.86
C SER A 60 18.74 -25.71 -1.84
N ARG A 61 18.15 -25.44 -0.67
CA ARG A 61 16.73 -25.70 -0.50
C ARG A 61 16.06 -24.71 0.45
N GLU A 62 16.84 -23.89 1.13
CA GLU A 62 16.28 -22.91 2.06
C GLU A 62 17.06 -21.61 1.93
N LYS A 63 16.34 -20.49 1.79
CA LYS A 63 16.95 -19.17 1.75
C LYS A 63 16.18 -18.23 2.68
N SER A 64 16.92 -17.43 3.45
CA SER A 64 16.34 -16.52 4.43
C SER A 64 16.28 -15.10 3.87
N TYR A 65 15.32 -14.33 4.37
CA TYR A 65 15.14 -12.93 4.01
C TYR A 65 14.87 -12.11 5.26
N LEU A 66 15.39 -10.89 5.28
CA LEU A 66 15.26 -10.02 6.45
C LEU A 66 14.51 -8.75 6.07
N PHE A 67 13.67 -8.31 7.00
CA PHE A 67 12.78 -7.17 6.82
C PHE A 67 12.81 -6.36 8.11
N ASP A 68 12.34 -5.11 8.01
CA ASP A 68 12.22 -4.29 9.22
C ASP A 68 11.32 -4.96 10.25
N VAL A 69 10.26 -5.62 9.80
CA VAL A 69 9.39 -6.35 10.71
C VAL A 69 8.70 -7.45 9.91
N ALA A 70 8.37 -8.53 10.61
CA ALA A 70 7.71 -9.68 10.01
C ALA A 70 6.44 -10.01 10.78
N PHE A 71 5.47 -10.60 10.08
CA PHE A 71 4.22 -11.02 10.73
C PHE A 71 3.73 -12.31 10.07
N ASP A 72 3.30 -13.28 10.88
CA ASP A 72 2.51 -14.41 10.40
C ASP A 72 1.20 -14.47 11.17
N PHE A 73 0.49 -15.61 11.04
CA PHE A 73 -0.87 -15.74 11.58
C PHE A 73 -0.98 -15.38 13.05
N THR A 74 0.14 -15.32 13.77
CA THR A 74 0.07 -14.94 15.17
C THR A 74 -0.27 -13.47 15.35
N ALA A 75 0.17 -12.61 14.43
CA ALA A 75 -0.09 -11.19 14.59
C ALA A 75 -1.56 -10.86 14.39
N THR A 76 -2.07 -9.94 15.18
CA THR A 76 -3.44 -9.48 15.00
C THR A 76 -3.45 -8.26 14.07
N GLN A 77 -4.66 -7.84 13.69
CA GLN A 77 -4.76 -6.60 12.94
C GLN A 77 -4.13 -5.43 13.70
N GLU A 78 -4.48 -5.26 14.97
CA GLU A 78 -3.92 -4.11 15.71
C GLU A 78 -2.41 -4.21 15.87
N MET A 79 -1.84 -5.40 15.93
CA MET A 79 -0.39 -5.48 16.09
C MET A 79 0.31 -5.08 14.80
N VAL A 80 -0.26 -5.48 13.66
CA VAL A 80 0.25 -5.00 12.37
C VAL A 80 0.17 -3.49 12.31
N TYR A 81 -0.95 -2.93 12.74
CA TYR A 81 -1.09 -1.47 12.74
C TYR A 81 -0.04 -0.82 13.63
N GLN A 82 0.10 -1.30 14.88
CA GLN A 82 1.05 -0.69 15.80
C GLN A 82 2.46 -0.71 15.23
N ALA A 83 2.82 -1.80 14.56
CA ALA A 83 4.19 -1.94 14.08
C ALA A 83 4.44 -1.25 12.76
N THR A 84 3.42 -0.78 12.07
CA THR A 84 3.66 -0.28 10.73
C THR A 84 3.35 1.21 10.57
N THR A 85 2.13 1.64 10.93
CA THR A 85 1.69 2.99 10.57
C THR A 85 1.32 3.88 11.75
N LYS A 86 1.18 3.35 12.96
CA LYS A 86 0.79 4.20 14.09
C LYS A 86 1.73 5.39 14.22
N SER A 87 3.04 5.15 14.15
CA SER A 87 4.05 6.18 14.36
C SER A 87 4.11 7.19 13.24
N LEU A 88 3.42 6.97 12.12
CA LEU A 88 3.35 8.00 11.08
C LEU A 88 2.48 9.16 11.50
N ILE A 89 1.56 8.95 12.44
CA ILE A 89 0.46 9.88 12.65
C ILE A 89 0.98 11.23 13.14
N GLU A 90 1.89 11.22 14.14
CA GLU A 90 2.40 12.45 14.71
C GLU A 90 2.96 13.37 13.63
N GLY A 91 3.70 12.81 12.68
CA GLY A 91 4.25 13.62 11.60
C GLY A 91 3.19 14.15 10.66
N VAL A 92 2.14 13.37 10.40
CA VAL A 92 1.16 13.80 9.41
C VAL A 92 0.41 15.03 9.89
N ILE A 93 0.05 15.08 11.18
CA ILE A 93 -0.68 16.26 11.61
C ILE A 93 0.26 17.43 11.81
N SER A 94 1.57 17.18 11.90
CA SER A 94 2.60 18.20 12.00
C SER A 94 3.00 18.77 10.65
N GLY A 95 2.40 18.29 9.55
CA GLY A 95 2.73 18.77 8.23
C GLY A 95 3.64 17.88 7.40
N TYR A 96 4.07 16.74 7.92
CA TYR A 96 4.90 15.87 7.10
C TYR A 96 4.00 14.89 6.32
N ASN A 97 4.56 14.35 5.24
CA ASN A 97 3.83 13.42 4.37
C ASN A 97 4.30 11.99 4.62
N ALA A 98 3.39 11.04 4.35
CA ALA A 98 3.65 9.63 4.60
C ALA A 98 2.84 8.79 3.65
N THR A 99 3.33 7.57 3.39
CA THR A 99 2.72 6.68 2.41
C THR A 99 2.84 5.24 2.85
N VAL A 100 1.73 4.51 2.77
CA VAL A 100 1.68 3.10 3.15
C VAL A 100 1.16 2.29 1.95
N PHE A 101 1.96 1.36 1.47
CA PHE A 101 1.57 0.43 0.42
C PHE A 101 1.31 -0.96 0.97
N ALA A 102 0.22 -1.56 0.53
CA ALA A 102 0.05 -3.00 0.58
C ALA A 102 0.47 -3.57 -0.76
N TYR A 103 1.51 -4.40 -0.77
CA TYR A 103 2.06 -4.98 -1.99
C TYR A 103 2.04 -6.50 -1.90
N GLY A 104 1.84 -7.14 -3.05
CA GLY A 104 1.94 -8.57 -3.13
C GLY A 104 1.00 -9.14 -4.16
N PRO A 105 1.15 -10.43 -4.45
CA PRO A 105 0.29 -11.08 -5.44
C PRO A 105 -1.15 -11.17 -4.93
N THR A 106 -2.08 -11.31 -5.88
CA THR A 106 -3.49 -11.44 -5.54
C THR A 106 -3.74 -12.59 -4.56
N GLY A 107 -4.60 -12.34 -3.58
CA GLY A 107 -4.99 -13.37 -2.64
C GLY A 107 -4.08 -13.56 -1.45
N CYS A 108 -3.00 -12.75 -1.34
CA CYS A 108 -2.00 -12.85 -0.27
C CYS A 108 -2.26 -11.94 0.92
N GLY A 109 -3.23 -11.01 0.84
CA GLY A 109 -3.55 -10.25 2.03
C GLY A 109 -3.74 -8.75 1.93
N LYS A 110 -3.45 -8.13 0.78
CA LYS A 110 -3.42 -6.67 0.67
C LYS A 110 -4.70 -6.03 1.21
N THR A 111 -5.86 -6.32 0.60
CA THR A 111 -7.08 -5.68 1.06
C THR A 111 -7.39 -6.03 2.53
N TYR A 112 -7.02 -7.22 2.99
CA TYR A 112 -7.22 -7.55 4.39
C TYR A 112 -6.39 -6.66 5.31
N THR A 113 -5.09 -6.47 4.97
CA THR A 113 -4.23 -5.59 5.77
C THR A 113 -4.75 -4.15 5.79
N MET A 114 -5.20 -3.63 4.63
CA MET A 114 -5.55 -2.21 4.50
C MET A 114 -6.97 -1.89 4.94
N LEU A 115 -7.96 -2.62 4.40
CA LEU A 115 -9.36 -2.45 4.78
C LEU A 115 -9.79 -3.37 5.92
N GLY A 116 -9.37 -4.63 5.91
CA GLY A 116 -9.83 -5.60 6.88
C GLY A 116 -11.28 -5.96 6.66
N THR A 117 -11.93 -6.36 7.75
CA THR A 117 -13.33 -6.74 7.74
C THR A 117 -14.05 -6.05 8.89
N ASP A 118 -15.38 -6.12 8.86
CA ASP A 118 -16.18 -5.65 9.98
C ASP A 118 -15.68 -6.24 11.30
N HIS A 119 -15.56 -7.56 11.37
CA HIS A 119 -15.10 -8.15 12.63
C HIS A 119 -13.62 -7.87 12.87
N GLU A 120 -12.82 -7.61 11.82
CA GLU A 120 -11.36 -7.47 11.97
C GLU A 120 -10.82 -6.35 11.09
N PRO A 121 -11.05 -5.11 11.49
CA PRO A 121 -10.69 -3.96 10.64
C PRO A 121 -9.20 -3.82 10.43
N GLY A 122 -8.84 -3.12 9.36
CA GLY A 122 -7.42 -2.96 9.04
C GLY A 122 -6.79 -1.61 9.30
N ILE A 123 -5.84 -1.25 8.44
CA ILE A 123 -4.97 -0.11 8.66
C ILE A 123 -5.75 1.21 8.53
N TYR A 124 -6.61 1.32 7.52
CA TYR A 124 -7.39 2.54 7.29
C TYR A 124 -8.03 3.06 8.57
N VAL A 125 -9.00 2.32 9.11
CA VAL A 125 -9.77 2.84 10.23
C VAL A 125 -8.90 2.97 11.48
N ARG A 126 -7.96 2.04 11.69
CA ARG A 126 -7.09 2.17 12.86
C ARG A 126 -6.27 3.45 12.78
N THR A 127 -5.82 3.79 11.58
CA THR A 127 -5.05 5.01 11.40
C THR A 127 -5.93 6.24 11.48
N LEU A 128 -7.10 6.23 10.83
CA LEU A 128 -8.02 7.36 10.98
C LEU A 128 -8.36 7.59 12.43
N ASN A 129 -8.34 6.54 13.23
CA ASN A 129 -8.81 6.63 14.60
C ASN A 129 -7.79 7.28 15.51
N ASP A 130 -6.56 6.81 15.47
CA ASP A 130 -5.51 7.49 16.22
C ASP A 130 -5.24 8.88 15.69
N LEU A 131 -5.70 9.16 14.48
CA LEU A 131 -5.50 10.49 13.93
C LEU A 131 -6.39 11.49 14.64
N PHE A 132 -7.67 11.13 14.84
CA PHE A 132 -8.62 12.00 15.51
C PHE A 132 -8.36 12.12 17.01
N ARG A 133 -7.79 11.10 17.64
CA ARG A 133 -7.35 11.25 19.02
C ARG A 133 -6.18 12.22 19.13
N ALA A 134 -5.11 11.96 18.37
CA ALA A 134 -3.97 12.87 18.33
C ALA A 134 -4.39 14.29 18.02
N ILE A 135 -5.44 14.47 17.22
CA ILE A 135 -5.90 15.82 16.90
C ILE A 135 -6.56 16.47 18.10
N GLU A 136 -7.33 15.70 18.88
CA GLU A 136 -7.98 16.32 20.03
C GLU A 136 -7.01 16.49 21.21
N GLU A 137 -6.06 15.58 21.38
CA GLU A 137 -5.08 15.79 22.44
C GLU A 137 -4.19 17.00 22.19
N THR A 138 -4.25 17.60 21.00
CA THR A 138 -3.49 18.81 20.71
C THR A 138 -4.35 19.99 20.27
N SER A 139 -5.67 19.86 20.30
CA SER A 139 -6.53 20.99 19.94
C SER A 139 -6.61 22.04 21.02
N ASN A 140 -5.91 21.85 22.14
CA ASN A 140 -5.71 22.95 23.08
C ASN A 140 -5.06 24.12 22.37
N ASP A 141 -4.00 23.82 21.60
CA ASP A 141 -3.13 24.79 20.97
C ASP A 141 -3.39 24.97 19.48
N MET A 142 -4.07 24.02 18.84
CA MET A 142 -4.12 23.94 17.37
C MET A 142 -5.55 23.80 16.87
N GLU A 143 -5.79 24.36 15.68
CA GLU A 143 -7.00 24.06 14.91
C GLU A 143 -6.66 23.10 13.78
N TYR A 144 -7.55 22.15 13.51
CA TYR A 144 -7.33 21.16 12.46
C TYR A 144 -8.48 21.12 11.48
N GLU A 145 -8.13 20.84 10.22
CA GLU A 145 -9.07 20.47 9.17
C GLU A 145 -8.64 19.12 8.63
N VAL A 146 -9.59 18.21 8.50
CA VAL A 146 -9.32 16.86 8.01
C VAL A 146 -10.31 16.53 6.91
N SER A 147 -9.80 16.14 5.75
CA SER A 147 -10.61 15.54 4.70
C SER A 147 -9.95 14.24 4.22
N MET A 148 -10.78 13.31 3.74
CA MET A 148 -10.27 12.08 3.14
C MET A 148 -11.01 11.78 1.84
N SER A 149 -10.29 11.16 0.91
CA SER A 149 -10.88 10.71 -0.34
C SER A 149 -10.49 9.28 -0.57
N TYR A 150 -11.21 8.61 -1.47
CA TYR A 150 -10.98 7.20 -1.72
C TYR A 150 -11.24 6.94 -3.20
N LEU A 151 -10.18 6.69 -3.97
CA LEU A 151 -10.29 6.63 -5.42
C LEU A 151 -9.71 5.32 -5.94
N GLU A 152 -10.08 4.99 -7.19
CA GLU A 152 -9.44 3.90 -7.92
C GLU A 152 -8.56 4.46 -9.02
N ILE A 153 -7.45 3.77 -9.27
CA ILE A 153 -6.72 3.84 -10.54
C ILE A 153 -6.79 2.45 -11.16
N TYR A 154 -7.44 2.36 -12.31
CA TYR A 154 -7.60 1.11 -13.05
C TYR A 154 -7.19 1.39 -14.48
N ASN A 155 -6.11 0.78 -14.94
CA ASN A 155 -5.60 1.02 -16.29
C ASN A 155 -5.48 2.53 -16.53
N GLU A 156 -4.86 3.21 -15.58
CA GLU A 156 -4.60 4.64 -15.63
C GLU A 156 -5.87 5.48 -15.73
N MET A 157 -7.05 4.90 -15.47
CA MET A 157 -8.29 5.65 -15.37
C MET A 157 -8.67 5.83 -13.90
N ILE A 158 -8.99 7.06 -13.52
CA ILE A 158 -9.28 7.38 -12.13
C ILE A 158 -10.78 7.48 -11.94
N ARG A 159 -11.29 6.80 -10.92
CA ARG A 159 -12.68 6.90 -10.51
C ARG A 159 -12.74 7.26 -9.03
N ASP A 160 -13.81 7.97 -8.65
CA ASP A 160 -14.10 8.27 -7.25
C ASP A 160 -14.85 7.09 -6.65
N LEU A 161 -14.21 6.37 -5.75
CA LEU A 161 -14.86 5.17 -5.23
C LEU A 161 -16.06 5.49 -4.33
N LEU A 162 -16.22 6.75 -3.92
CA LEU A 162 -17.31 7.12 -3.03
C LEU A 162 -18.49 7.74 -3.78
N ASN A 163 -18.33 7.96 -5.07
CA ASN A 163 -19.32 8.57 -5.96
C ASN A 163 -18.98 8.14 -7.39
N PRO A 164 -19.19 6.87 -7.72
CA PRO A 164 -18.87 6.39 -9.09
C PRO A 164 -19.62 7.12 -10.18
N ALA A 165 -20.78 7.70 -9.88
CA ALA A 165 -21.60 8.33 -10.92
C ALA A 165 -20.85 9.42 -11.63
N LEU A 166 -19.99 10.15 -10.91
CA LEU A 166 -19.24 11.26 -11.51
C LEU A 166 -18.42 10.81 -12.72
N GLY A 167 -17.92 9.58 -12.70
CA GLY A 167 -17.22 9.03 -13.83
C GLY A 167 -15.73 9.31 -13.77
N TYR A 168 -15.12 9.29 -14.96
CA TYR A 168 -13.67 9.42 -15.06
C TYR A 168 -13.24 10.84 -14.68
N LEU A 169 -12.34 10.93 -13.71
CA LEU A 169 -11.82 12.19 -13.22
C LEU A 169 -10.40 12.39 -13.73
N GLU A 170 -9.99 13.65 -13.79
CA GLU A 170 -8.64 14.01 -14.21
C GLU A 170 -7.86 14.60 -13.03
N LEU A 171 -6.55 14.74 -13.24
CA LEU A 171 -5.62 15.23 -12.23
C LEU A 171 -5.30 16.70 -12.50
N ARG A 172 -5.78 17.59 -11.64
CA ARG A 172 -5.55 19.01 -11.79
C ARG A 172 -4.75 19.57 -10.62
N GLU A 173 -3.81 20.47 -10.92
CA GLU A 173 -2.98 21.07 -9.89
C GLU A 173 -3.71 22.21 -9.19
N ASP A 174 -3.85 22.10 -7.88
CA ASP A 174 -4.53 23.12 -7.09
C ASP A 174 -3.71 23.49 -5.86
N SER A 175 -2.48 23.93 -6.08
CA SER A 175 -1.59 24.30 -4.99
C SER A 175 -1.64 25.82 -4.75
N VAL A 178 -0.57 21.65 -5.21
CA VAL A 178 -0.62 20.22 -4.92
C VAL A 178 -1.52 19.49 -5.92
N ILE A 179 -1.10 18.29 -6.32
CA ILE A 179 -1.85 17.50 -7.27
C ILE A 179 -3.03 16.80 -6.59
N GLN A 180 -4.23 17.13 -7.06
CA GLN A 180 -5.44 16.54 -6.51
C GLN A 180 -6.29 16.01 -7.66
N VAL A 181 -7.09 14.99 -7.34
CA VAL A 181 -8.09 14.49 -8.28
C VAL A 181 -9.22 15.52 -8.37
N ALA A 182 -9.30 16.22 -9.49
CA ALA A 182 -10.31 17.25 -9.73
C ALA A 182 -11.73 16.72 -9.61
N GLY A 183 -12.43 17.12 -8.54
CA GLY A 183 -13.83 16.83 -8.36
C GLY A 183 -14.18 15.76 -7.34
N ILE A 184 -13.22 15.21 -6.63
CA ILE A 184 -13.46 14.01 -5.84
C ILE A 184 -14.13 14.38 -4.51
N THR A 185 -15.03 13.51 -4.07
CA THR A 185 -15.69 13.62 -2.79
C THR A 185 -14.70 13.71 -1.63
N GLU A 186 -15.08 14.45 -0.58
CA GLU A 186 -14.25 14.63 0.60
C GLU A 186 -15.09 14.50 1.86
N VAL A 187 -14.76 13.49 2.68
CA VAL A 187 -15.46 13.15 3.92
C VAL A 187 -14.71 13.77 5.09
N SER A 188 -15.45 14.02 6.21
CA SER A 188 -14.86 14.56 7.43
C SER A 188 -15.43 13.95 8.71
N THR A 189 -16.22 12.88 8.62
CA THR A 189 -16.80 12.29 9.82
C THR A 189 -15.73 11.60 10.67
N ILE A 190 -15.93 11.64 11.98
CA ILE A 190 -14.95 11.11 12.92
C ILE A 190 -15.35 9.74 13.49
N ASN A 191 -16.53 9.23 13.15
CA ASN A 191 -16.99 7.94 13.67
C ASN A 191 -16.46 6.81 12.80
N ALA A 192 -15.90 5.77 13.45
CA ALA A 192 -15.22 4.66 12.77
C ALA A 192 -16.17 3.63 12.17
N LYS A 193 -17.38 3.49 12.70
CA LYS A 193 -18.39 2.69 12.01
C LYS A 193 -18.75 3.34 10.68
N GLU A 194 -18.96 4.66 10.68
CA GLU A 194 -19.33 5.35 9.45
C GLU A 194 -18.22 5.25 8.40
N ILE A 195 -16.98 5.56 8.80
CA ILE A 195 -15.84 5.43 7.89
C ILE A 195 -15.80 4.03 7.30
N MET A 196 -15.87 3.02 8.18
CA MET A 196 -15.76 1.63 7.75
C MET A 196 -16.87 1.26 6.77
N GLN A 197 -18.10 1.74 7.01
CA GLN A 197 -19.16 1.48 6.05
C GLN A 197 -18.90 2.22 4.74
N LEU A 198 -18.42 3.47 4.82
CA LEU A 198 -18.03 4.20 3.62
C LEU A 198 -17.03 3.41 2.80
N LEU A 199 -15.94 2.99 3.45
CA LEU A 199 -14.84 2.32 2.76
C LEU A 199 -15.22 0.93 2.28
N MET A 200 -16.10 0.24 3.01
CA MET A 200 -16.58 -1.06 2.55
C MET A 200 -17.37 -0.90 1.25
N LYS A 201 -18.37 -0.01 1.25
CA LYS A 201 -19.20 0.19 0.07
C LYS A 201 -18.38 0.76 -1.10
N GLY A 202 -17.48 1.70 -0.81
CA GLY A 202 -16.64 2.26 -1.85
C GLY A 202 -15.71 1.22 -2.47
N ASN A 203 -15.33 0.22 -1.68
CA ASN A 203 -14.51 -0.87 -2.18
C ASN A 203 -15.24 -1.67 -3.25
N ARG A 204 -16.56 -1.78 -3.15
CA ARG A 204 -17.29 -2.54 -4.14
C ARG A 204 -17.51 -1.79 -5.45
N GLN A 205 -17.13 -0.52 -5.54
CA GLN A 205 -17.19 0.18 -6.81
C GLN A 205 -15.93 -0.01 -7.64
N ARG A 206 -14.90 -0.61 -7.05
CA ARG A 206 -13.69 -0.94 -7.80
C ARG A 206 -14.04 -1.81 -9.00
N THR A 207 -13.46 -1.46 -10.15
CA THR A 207 -13.63 -2.23 -11.38
C THR A 207 -13.42 -3.72 -11.14
N GLN A 208 -14.36 -4.53 -11.64
CA GLN A 208 -14.41 -5.97 -11.39
C GLN A 208 -13.70 -6.76 -12.49
N GLU A 209 -13.36 -8.01 -12.16
CA GLU A 209 -12.78 -8.93 -13.14
C GLU A 209 -13.88 -9.48 -14.06
N PRO A 210 -13.71 -9.37 -15.37
CA PRO A 210 -14.78 -9.78 -16.31
C PRO A 210 -15.26 -11.22 -16.11
N THR A 211 -14.43 -12.08 -15.56
CA THR A 211 -14.81 -13.44 -15.26
C THR A 211 -15.50 -13.56 -13.90
N GLN A 215 -16.07 -10.11 -8.43
CA GLN A 215 -14.69 -10.09 -7.94
C GLN A 215 -13.98 -8.81 -8.40
N THR A 216 -13.14 -8.25 -7.53
CA THR A 216 -12.36 -7.05 -7.83
C THR A 216 -11.18 -7.38 -8.73
N SER A 217 -10.97 -6.58 -9.78
CA SER A 217 -9.85 -6.81 -10.67
C SER A 217 -8.53 -6.80 -9.91
N SER A 218 -7.63 -7.70 -10.33
CA SER A 218 -6.27 -7.73 -9.84
C SER A 218 -5.48 -6.51 -10.26
N ARG A 219 -6.06 -5.62 -11.08
CA ARG A 219 -5.36 -4.46 -11.62
C ARG A 219 -5.87 -3.15 -11.06
N SER A 220 -6.52 -3.17 -9.91
CA SER A 220 -7.16 -2.00 -9.34
C SER A 220 -6.32 -1.53 -8.16
N HIS A 221 -5.71 -0.34 -8.29
CA HIS A 221 -5.15 0.38 -7.15
C HIS A 221 -6.26 1.07 -6.38
N ALA A 222 -6.26 0.94 -5.07
CA ALA A 222 -7.19 1.71 -4.25
C ALA A 222 -6.37 2.70 -3.41
N VAL A 223 -6.67 3.97 -3.53
CA VAL A 223 -5.94 4.99 -2.80
C VAL A 223 -6.88 5.69 -1.85
N LEU A 224 -6.55 5.62 -0.57
CA LEU A 224 -7.19 6.44 0.45
C LEU A 224 -6.19 7.53 0.86
N GLN A 225 -6.55 8.79 0.64
CA GLN A 225 -5.71 9.89 1.06
C GLN A 225 -6.42 10.73 2.10
N VAL A 226 -5.66 11.13 3.11
CA VAL A 226 -6.14 11.95 4.22
C VAL A 226 -5.26 13.19 4.29
N ALA A 227 -5.89 14.36 4.18
CA ALA A 227 -5.21 15.65 4.30
C ALA A 227 -5.49 16.25 5.68
N VAL A 228 -4.50 16.92 6.25
CA VAL A 228 -4.62 17.50 7.60
C VAL A 228 -3.94 18.87 7.61
N ARG A 229 -4.72 19.93 7.81
CA ARG A 229 -4.18 21.26 7.97
C ARG A 229 -4.13 21.63 9.45
N GLN A 230 -3.05 22.30 9.86
CA GLN A 230 -2.76 22.61 11.25
C GLN A 230 -2.32 24.06 11.33
N ARG A 231 -3.10 24.88 12.02
CA ARG A 231 -2.72 26.24 12.31
C ARG A 231 -2.81 26.49 13.81
N SER A 232 -1.99 27.41 14.29
CA SER A 232 -1.96 27.77 15.69
C SER A 232 -3.17 28.60 16.09
N ARG A 233 -3.55 28.49 17.35
CA ARG A 233 -4.61 29.32 17.89
C ARG A 233 -4.09 30.65 18.41
N VAL A 234 -2.77 30.80 18.54
CA VAL A 234 -2.14 32.06 18.93
C VAL A 234 -2.04 32.95 17.70
N LYS A 235 -2.77 34.05 17.70
CA LYS A 235 -2.93 34.83 16.48
C LYS A 235 -1.98 36.03 16.40
N ASN A 236 -1.34 36.42 17.50
CA ASN A 236 -0.46 37.56 17.45
C ASN A 236 0.98 37.17 17.12
N ILE A 237 1.20 35.97 16.59
CA ILE A 237 2.50 35.50 16.12
C ILE A 237 2.26 34.61 14.91
N LEU A 238 3.00 34.85 13.81
CA LEU A 238 2.51 34.39 12.51
C LEU A 238 2.48 32.87 12.38
N GLN A 239 3.64 32.21 12.47
CA GLN A 239 3.72 30.74 12.41
C GLN A 239 3.29 30.16 11.06
N GLU A 240 4.05 29.17 10.58
CA GLU A 240 3.71 28.47 9.35
C GLU A 240 2.42 27.66 9.53
N VAL A 241 1.52 27.71 8.54
CA VAL A 241 0.33 26.85 8.52
C VAL A 241 0.68 25.52 7.84
N ARG A 242 0.46 24.40 8.54
CA ARG A 242 0.99 23.11 8.12
C ARG A 242 -0.07 22.31 7.36
N GLN A 243 0.39 21.44 6.45
CA GLN A 243 -0.51 20.62 5.64
C GLN A 243 0.17 19.26 5.43
N GLY A 244 -0.20 18.29 6.26
CA GLY A 244 0.30 16.94 6.12
C GLY A 244 -0.61 16.10 5.25
N ARG A 245 -0.04 15.12 4.57
CA ARG A 245 -0.79 14.35 3.60
C ARG A 245 -0.40 12.89 3.78
N LEU A 246 -1.35 12.06 4.20
CA LEU A 246 -1.15 10.63 4.36
C LEU A 246 -1.81 9.92 3.18
N PHE A 247 -1.11 8.96 2.60
CA PHE A 247 -1.62 8.13 1.51
C PHE A 247 -1.60 6.67 1.94
N MET A 248 -2.73 6.00 1.77
CA MET A 248 -2.87 4.59 2.18
C MET A 248 -3.35 3.80 0.98
N ILE A 249 -2.49 2.94 0.44
CA ILE A 249 -2.67 2.38 -0.88
C ILE A 249 -2.78 0.87 -0.81
N ASP A 250 -3.85 0.35 -1.44
CA ASP A 250 -4.05 -1.06 -1.73
C ASP A 250 -3.71 -1.27 -3.20
N LEU A 251 -2.50 -1.77 -3.46
CA LEU A 251 -1.98 -1.80 -4.82
C LEU A 251 -2.68 -2.85 -5.68
N ALA A 252 -2.39 -2.78 -6.98
CA ALA A 252 -2.70 -3.89 -7.86
C ALA A 252 -1.83 -5.10 -7.50
N GLY A 253 -2.25 -6.27 -7.96
CA GLY A 253 -1.51 -7.48 -7.65
C GLY A 253 -0.17 -7.52 -8.35
N SER A 254 0.81 -8.14 -7.68
CA SER A 254 2.17 -8.17 -8.22
C SER A 254 2.26 -8.87 -9.57
N GLU A 255 1.34 -9.79 -9.86
CA GLU A 255 1.51 -10.74 -10.96
C GLU A 255 1.29 -10.10 -12.32
N LEU A 277 0.84 -5.25 -33.95
CA LEU A 277 1.69 -4.31 -33.23
C LEU A 277 3.18 -4.61 -33.42
N LEU A 278 3.93 -3.64 -33.97
CA LEU A 278 5.37 -3.75 -34.14
C LEU A 278 6.04 -2.57 -33.44
N ALA A 279 6.83 -2.88 -32.42
CA ALA A 279 7.43 -1.91 -31.52
C ALA A 279 8.95 -1.96 -31.63
N LEU A 280 9.45 -2.26 -32.83
CA LEU A 280 10.88 -2.41 -33.07
C LEU A 280 11.69 -1.15 -32.79
N GLY A 281 11.07 0.02 -32.62
CA GLY A 281 11.77 1.13 -31.98
C GLY A 281 12.46 0.70 -30.70
N ASN A 282 13.46 -0.16 -30.86
CA ASN A 282 14.32 -0.69 -29.80
C ASN A 282 15.79 -0.54 -30.12
N CYS A 283 16.17 -0.31 -31.38
CA CYS A 283 17.50 0.24 -31.60
C CYS A 283 17.54 1.65 -31.06
N ILE A 284 16.37 2.22 -30.83
CA ILE A 284 16.24 3.42 -30.02
C ILE A 284 17.07 3.31 -28.76
N ASN A 285 17.01 2.16 -28.10
CA ASN A 285 17.84 1.88 -26.93
C ASN A 285 19.26 1.48 -27.36
N ALA A 286 19.41 0.54 -28.29
CA ALA A 286 20.74 0.09 -28.70
C ALA A 286 21.55 1.23 -29.32
N LEU A 287 20.98 2.44 -29.39
CA LEU A 287 21.77 3.55 -29.87
C LEU A 287 21.85 4.70 -28.88
N SER A 288 20.89 4.85 -27.96
CA SER A 288 21.14 5.74 -26.83
C SER A 288 22.24 5.18 -25.95
N ASP A 289 22.42 3.87 -25.93
CA ASP A 289 23.41 3.23 -25.09
C ASP A 289 24.82 3.46 -25.62
N LYS A 290 25.10 4.68 -26.07
CA LYS A 290 26.44 5.06 -26.55
C LYS A 290 26.76 6.43 -25.97
N GLY A 291 27.50 6.41 -24.85
CA GLY A 291 27.96 7.52 -24.00
C GLY A 291 26.90 8.04 -23.05
N SER A 292 25.76 7.35 -22.86
CA SER A 292 24.66 7.77 -21.96
C SER A 292 23.99 9.07 -22.49
N ASN A 293 22.76 9.44 -22.10
CA ASN A 293 21.73 8.70 -21.37
C ASN A 293 20.39 9.37 -21.75
N LYS A 294 19.26 8.66 -21.61
CA LYS A 294 17.90 9.19 -21.82
C LYS A 294 17.57 9.59 -23.28
N TYR A 295 16.45 9.08 -23.78
CA TYR A 295 16.05 9.27 -25.18
C TYR A 295 14.54 9.10 -25.32
N ILE A 296 13.88 8.91 -24.18
CA ILE A 296 12.44 8.62 -24.09
C ILE A 296 11.78 9.67 -23.20
N ASN A 297 10.69 10.26 -23.71
CA ASN A 297 9.79 11.02 -22.85
C ASN A 297 8.82 10.03 -22.20
N TYR A 298 9.27 9.40 -21.12
CA TYR A 298 8.40 8.53 -20.33
C TYR A 298 7.21 9.30 -19.77
N ARG A 299 6.04 8.67 -19.78
CA ARG A 299 4.87 9.18 -19.06
C ARG A 299 4.83 8.62 -17.64
N ASP A 300 4.67 9.52 -16.68
CA ASP A 300 4.41 9.11 -15.30
C ASP A 300 3.02 8.52 -15.18
N SER A 301 2.89 7.40 -14.48
CA SER A 301 1.58 6.83 -14.22
C SER A 301 0.75 7.80 -13.39
N LYS A 302 -0.57 7.61 -13.40
CA LYS A 302 -1.43 8.41 -12.53
C LYS A 302 -0.96 8.31 -11.07
N LEU A 303 -0.59 7.10 -10.63
CA LEU A 303 -0.22 6.94 -9.23
C LEU A 303 1.07 7.66 -8.92
N THR A 304 2.03 7.67 -9.86
CA THR A 304 3.26 8.42 -9.65
C THR A 304 2.99 9.93 -9.57
N ARG A 305 2.21 10.45 -10.52
CA ARG A 305 1.88 11.87 -10.51
C ARG A 305 1.15 12.25 -9.23
N LEU A 306 0.22 11.42 -8.77
CA LEU A 306 -0.50 11.73 -7.53
C LEU A 306 0.43 11.78 -6.33
N LEU A 307 1.45 10.93 -6.30
CA LEU A 307 2.36 10.83 -5.17
C LEU A 307 3.58 11.72 -5.28
N LYS A 308 3.67 12.55 -6.33
CA LYS A 308 4.89 13.31 -6.62
C LYS A 308 5.28 14.24 -5.48
N ASP A 309 4.39 15.19 -5.14
CA ASP A 309 4.73 16.16 -4.11
C ASP A 309 5.00 15.48 -2.77
N SER A 310 4.37 14.33 -2.52
CA SER A 310 4.67 13.49 -1.37
C SER A 310 5.93 12.67 -1.68
N LEU A 311 6.14 11.58 -0.94
CA LEU A 311 7.27 10.67 -1.14
C LEU A 311 8.54 11.42 -1.56
N GLY A 312 9.11 12.20 -0.64
CA GLY A 312 10.33 12.94 -0.90
C GLY A 312 11.24 12.95 0.31
N GLY A 313 12.12 13.96 0.38
CA GLY A 313 13.15 14.05 1.41
C GLY A 313 12.66 13.81 2.82
N ASN A 314 11.97 14.78 3.39
CA ASN A 314 11.41 14.66 4.75
C ASN A 314 10.00 14.06 4.69
N SER A 315 9.92 12.83 4.17
CA SER A 315 8.66 12.12 4.09
C SER A 315 8.91 10.63 4.19
N ARG A 316 7.96 9.93 4.80
CA ARG A 316 8.14 8.54 5.19
C ARG A 316 7.35 7.63 4.27
N THR A 317 7.86 6.40 4.11
CA THR A 317 7.21 5.40 3.28
C THR A 317 7.28 4.07 4.00
N VAL A 318 6.15 3.36 3.99
CA VAL A 318 6.00 2.04 4.62
C VAL A 318 5.43 1.11 3.57
N MET A 319 6.18 0.08 3.20
CA MET A 319 5.65 -0.96 2.33
C MET A 319 5.39 -2.20 3.15
N ILE A 320 4.20 -2.78 2.97
CA ILE A 320 3.85 -4.04 3.60
C ILE A 320 3.70 -5.07 2.47
N ALA A 321 4.73 -5.90 2.30
CA ALA A 321 4.67 -7.01 1.36
C ALA A 321 3.91 -8.19 1.96
N HIS A 322 3.17 -8.91 1.11
CA HIS A 322 2.32 -10.02 1.50
C HIS A 322 2.66 -11.27 0.72
N ILE A 323 2.72 -12.43 1.40
CA ILE A 323 2.91 -13.71 0.73
C ILE A 323 1.97 -14.76 1.31
N SER A 324 1.73 -15.78 0.52
CA SER A 324 1.18 -17.04 0.99
C SER A 324 2.29 -17.90 1.58
N PRO A 325 1.99 -18.69 2.62
CA PRO A 325 2.98 -19.65 3.13
C PRO A 325 2.95 -20.96 2.37
N ALA A 326 2.12 -21.05 1.34
CA ALA A 326 1.86 -22.30 0.64
C ALA A 326 2.96 -22.65 -0.35
N SER A 327 3.32 -23.94 -0.37
CA SER A 327 4.24 -24.46 -1.38
C SER A 327 3.73 -24.20 -2.80
N THR A 328 2.42 -24.30 -3.05
CA THR A 328 1.97 -24.02 -4.41
C THR A 328 2.18 -22.57 -4.83
N ALA A 329 2.66 -21.71 -3.94
CA ALA A 329 2.92 -20.30 -4.22
C ALA A 329 4.41 -19.97 -4.24
N PHE A 330 5.27 -20.99 -4.25
CA PHE A 330 6.69 -20.78 -3.96
C PHE A 330 7.33 -19.73 -4.89
N GLU A 331 6.92 -19.69 -6.17
CA GLU A 331 7.58 -18.82 -7.13
C GLU A 331 7.20 -17.37 -6.92
N GLU A 332 5.90 -17.08 -6.77
CA GLU A 332 5.51 -15.72 -6.41
C GLU A 332 6.09 -15.29 -5.07
N SER A 333 6.09 -16.19 -4.08
CA SER A 333 6.62 -15.78 -2.79
C SER A 333 8.07 -15.36 -2.91
N ARG A 334 8.85 -16.10 -3.71
CA ARG A 334 10.26 -15.80 -3.88
C ARG A 334 10.47 -14.49 -4.65
N ASN A 335 9.67 -14.25 -5.69
CA ASN A 335 9.70 -12.94 -6.32
C ASN A 335 9.40 -11.85 -5.31
N THR A 336 8.39 -12.05 -4.49
CA THR A 336 8.01 -11.00 -3.54
C THR A 336 9.12 -10.77 -2.52
N LEU A 337 9.59 -11.84 -1.88
CA LEU A 337 10.63 -11.72 -0.85
C LEU A 337 11.92 -11.13 -1.40
N THR A 338 12.26 -11.42 -2.67
CA THR A 338 13.39 -10.79 -3.34
C THR A 338 13.18 -9.29 -3.50
N TYR A 339 11.98 -8.91 -3.90
CA TYR A 339 11.70 -7.51 -4.18
C TYR A 339 11.77 -6.69 -2.91
N ALA A 340 11.26 -7.23 -1.80
CA ALA A 340 11.20 -6.52 -0.53
C ALA A 340 12.39 -6.77 0.37
N GLY A 341 13.25 -7.73 0.02
CA GLY A 341 14.40 -8.07 0.85
C GLY A 341 15.36 -6.95 1.12
N ARG A 342 15.47 -6.57 2.39
CA ARG A 342 16.36 -5.49 2.84
C ARG A 342 17.80 -5.98 2.96
PB ADP B . -5.47 -9.36 -1.88
O1B ADP B . -6.15 -8.11 -1.37
O2B ADP B . -3.97 -9.22 -1.80
O3B ADP B . -6.03 -9.90 -3.17
PA ADP B . -7.19 -10.39 0.08
O1A ADP B . -6.81 -9.89 1.44
O2A ADP B . -8.24 -9.69 -0.76
O3A ADP B . -5.85 -10.53 -0.83
O5' ADP B . -7.76 -11.88 0.16
C5' ADP B . -7.22 -12.90 0.99
C4' ADP B . -8.40 -13.64 1.60
O4' ADP B . -7.93 -14.24 2.79
C3' ADP B . -9.43 -12.64 2.03
O3' ADP B . -10.67 -13.36 2.14
C2' ADP B . -8.95 -12.19 3.39
O2' ADP B . -10.05 -11.89 4.25
C1' ADP B . -8.19 -13.40 3.91
N9 ADP B . -6.88 -13.02 4.54
C8 ADP B . -5.85 -12.39 3.93
N7 ADP B . -4.81 -12.20 4.78
C5 ADP B . -5.17 -12.72 5.96
C6 ADP B . -4.55 -12.83 7.29
N6 ADP B . -3.30 -12.36 7.50
N1 ADP B . -5.28 -13.42 8.26
C2 ADP B . -6.51 -13.90 8.03
N3 ADP B . -7.15 -13.83 6.86
C4 ADP B . -6.54 -13.25 5.80
H5'1 ADP B . -6.66 -12.52 1.69
H5'2 ADP B . -6.66 -13.51 0.48
H4' ADP B . -8.76 -14.28 0.96
H3' ADP B . -9.56 -11.89 1.44
HO3' ADP B . -10.97 -13.25 2.91
H2' ADP B . -8.41 -11.38 3.35
HO2' ADP B . -9.77 -11.50 4.94
H1' ADP B . -8.71 -13.84 4.60
H8 ADP B . -5.87 -12.11 3.00
HN61 ADP B . -2.87 -11.98 6.86
HN62 ADP B . -2.94 -12.42 8.28
H2 ADP B . -6.97 -14.35 8.77
MG MG C . -7.44 -6.82 -3.02
#